data_7AVV
#
_entry.id   7AVV
#
_cell.length_a   38.72
_cell.length_b   79.211
_cell.length_c   168.156
_cell.angle_alpha   90
_cell.angle_beta   90
_cell.angle_gamma   90
#
_symmetry.space_group_name_H-M   'P 21 21 21'
#
loop_
_entity.id
_entity.type
_entity.pdbx_description
1 polymer 'Son of sevenless homolog 1'
2 non-polymer IMIDAZOLE
3 non-polymer ~{N}-[(1~{R})-1-[3-azanyl-5-(trifluoromethyl)phenyl]ethyl]-2-methyl-quinazolin-4-amine
4 water water
#
_entity_poly.entity_id   1
_entity_poly.type   'polypeptide(L)'
_entity_poly.pdbx_seq_one_letter_code
;GEEQMRLPSADVYRFAEPDSEENIIFEENMQPKAGIPIIKAGTVIKLIERLTYHMYADPNFVRTFLTTYRSFCKPQELLS
LIIERFEIPEPEPTEADRIAIENGDQPLSAELKRFRKEYIQPVQLRVLNVCRHWVEHHFYDFERDAYLLQRMEEFIGTVR
GKAMKKWVESITKIIQRKKIARDNGPGHNITFQSSPPTVEWHISRPGHIETFDLLTLHPIEIARQLTLLESDLYRAVQPS
ELVGSVWTKEDKEINSPNLLKMIRHTTNLTLWFEKCIVETENLEERVAVVSRIIEILQVFQELNNFNGVLEVVSAMNSSP
VYRLDHTFEQIPSRQKKILEEAHELSEDHYKKYLAKLRSINPPCVPFFGIYLTNILKTEEGNPEVLKRHGKELINFSKRR
KVAEITGEIQQYQNQPYCLRVESDIKRFFENLNPMGNSMEKEFTDYLFNKSLEIEPRNPKPLPRFPKKYSYPLKSPGVRP
SNPRPGT
;
_entity_poly.pdbx_strand_id   A
#
loop_
_chem_comp.id
_chem_comp.type
_chem_comp.name
_chem_comp.formula
IMD non-polymer IMIDAZOLE 'C3 H5 N2 1'
S2W non-polymer ~{N}-[(1~{R})-1-[3-azanyl-5-(trifluoromethyl)phenyl]ethyl]-2-methyl-quinazolin-4-amine 'C18 H17 F3 N4'
#
# COMPACT_ATOMS: atom_id res chain seq x y z
N GLU A 3 -32.14 22.50 -24.88
CA GLU A 3 -31.25 21.52 -24.27
C GLU A 3 -31.21 21.62 -22.74
N GLN A 4 -31.16 22.85 -22.17
CA GLN A 4 -31.13 23.00 -20.70
C GLN A 4 -32.50 22.66 -20.10
N MET A 5 -32.51 21.83 -19.05
CA MET A 5 -33.74 21.35 -18.41
C MET A 5 -34.17 22.20 -17.21
N ARG A 6 -35.45 22.11 -16.83
CA ARG A 6 -35.97 22.80 -15.66
C ARG A 6 -35.65 21.89 -14.45
N LEU A 7 -34.76 22.35 -13.57
CA LEU A 7 -34.34 21.59 -12.38
C LEU A 7 -35.04 22.11 -11.12
N PRO A 8 -35.10 21.31 -10.02
CA PRO A 8 -35.69 21.82 -8.78
C PRO A 8 -34.83 22.91 -8.12
N SER A 9 -35.43 23.65 -7.19
CA SER A 9 -34.78 24.74 -6.47
C SER A 9 -33.51 24.29 -5.74
N ALA A 10 -32.49 25.15 -5.65
CA ALA A 10 -31.24 24.85 -4.97
C ALA A 10 -31.43 24.62 -3.46
N ASP A 11 -32.43 25.27 -2.83
CA ASP A 11 -32.69 25.09 -1.40
C ASP A 11 -33.39 23.75 -1.13
N VAL A 12 -34.09 23.17 -2.13
CA VAL A 12 -34.78 21.88 -2.00
C VAL A 12 -33.85 20.72 -2.49
N TYR A 13 -32.90 20.99 -3.40
CA TYR A 13 -31.94 20.03 -3.92
C TYR A 13 -30.58 20.74 -4.07
N ARG A 14 -29.62 20.43 -3.17
CA ARG A 14 -28.33 21.14 -3.17
C ARG A 14 -27.44 20.92 -4.40
N PHE A 15 -27.63 19.83 -5.14
CA PHE A 15 -26.81 19.54 -6.32
C PHE A 15 -27.23 20.34 -7.57
N ALA A 16 -28.28 21.19 -7.49
CA ALA A 16 -28.75 21.96 -8.64
C ALA A 16 -28.00 23.30 -8.84
N GLU A 17 -27.09 23.68 -7.91
CA GLU A 17 -26.31 24.92 -8.01
C GLU A 17 -25.50 24.94 -9.31
N PRO A 18 -25.51 26.03 -10.12
CA PRO A 18 -24.68 26.02 -11.34
C PRO A 18 -23.18 25.98 -11.06
N ASP A 19 -22.39 25.60 -12.07
CA ASP A 19 -20.93 25.56 -11.98
C ASP A 19 -20.38 26.97 -12.02
N SER A 20 -19.49 27.29 -11.08
CA SER A 20 -18.86 28.59 -11.00
C SER A 20 -17.42 28.43 -10.48
N GLU A 21 -16.63 29.51 -10.53
CA GLU A 21 -15.25 29.49 -10.02
C GLU A 21 -15.19 29.30 -8.48
N GLU A 22 -16.31 29.52 -7.77
CA GLU A 22 -16.46 29.30 -6.33
C GLU A 22 -16.71 27.83 -5.97
N ASN A 23 -16.95 26.92 -6.96
CA ASN A 23 -17.26 25.54 -6.59
C ASN A 23 -16.64 24.46 -7.50
N ILE A 24 -16.12 24.79 -8.70
CA ILE A 24 -15.49 23.77 -9.55
C ILE A 24 -14.51 24.41 -10.51
N ILE A 25 -13.36 23.78 -10.72
CA ILE A 25 -12.32 24.23 -11.64
C ILE A 25 -11.90 22.99 -12.43
N PHE A 26 -11.81 23.13 -13.76
CA PHE A 26 -11.38 22.05 -14.65
C PHE A 26 -9.97 22.34 -15.11
N GLU A 27 -9.25 21.30 -15.53
CA GLU A 27 -7.89 21.42 -16.05
C GLU A 27 -7.91 22.23 -17.35
N GLY A 35 -14.04 12.74 -24.50
CA GLY A 35 -13.43 14.01 -24.14
C GLY A 35 -14.04 14.59 -22.88
N ILE A 36 -14.06 13.78 -21.81
CA ILE A 36 -14.63 14.17 -20.52
C ILE A 36 -13.72 15.22 -19.88
N PRO A 37 -14.25 16.37 -19.39
CA PRO A 37 -13.37 17.36 -18.77
C PRO A 37 -12.75 16.81 -17.48
N ILE A 38 -11.48 17.17 -17.21
CA ILE A 38 -10.75 16.68 -16.04
C ILE A 38 -10.89 17.67 -14.89
N ILE A 39 -11.44 17.22 -13.74
CA ILE A 39 -11.64 18.08 -12.57
C ILE A 39 -10.31 18.34 -11.86
N LYS A 40 -9.93 19.62 -11.74
CA LYS A 40 -8.73 20.05 -11.01
C LYS A 40 -9.09 20.24 -9.54
N ALA A 41 -10.24 20.89 -9.26
CA ALA A 41 -10.68 21.17 -7.90
C ALA A 41 -12.20 21.38 -7.83
N GLY A 42 -12.77 21.15 -6.65
CA GLY A 42 -14.20 21.36 -6.45
C GLY A 42 -14.64 21.16 -5.03
N THR A 43 -15.83 21.66 -4.66
CA THR A 43 -16.38 21.39 -3.34
C THR A 43 -16.83 19.90 -3.32
N VAL A 44 -17.09 19.32 -2.14
CA VAL A 44 -17.51 17.91 -2.08
C VAL A 44 -18.86 17.72 -2.79
N ILE A 45 -19.78 18.71 -2.70
CA ILE A 45 -21.08 18.69 -3.42
C ILE A 45 -20.82 18.60 -4.93
N LYS A 46 -19.88 19.42 -5.46
CA LYS A 46 -19.60 19.42 -6.89
C LYS A 46 -18.89 18.16 -7.34
N LEU A 47 -18.00 17.60 -6.51
CA LEU A 47 -17.33 16.35 -6.85
C LEU A 47 -18.37 15.24 -6.89
N ILE A 48 -19.27 15.17 -5.89
CA ILE A 48 -20.36 14.17 -5.87
C ILE A 48 -21.28 14.28 -7.12
N GLU A 49 -21.57 15.53 -7.58
CA GLU A 49 -22.42 15.75 -8.75
C GLU A 49 -21.77 15.18 -9.99
N ARG A 50 -20.49 15.51 -10.23
CA ARG A 50 -19.78 14.99 -11.41
C ARG A 50 -19.51 13.48 -11.32
N LEU A 51 -19.43 12.93 -10.09
CA LEU A 51 -19.29 11.49 -9.82
C LEU A 51 -20.54 10.73 -10.32
N THR A 52 -21.70 11.41 -10.35
CA THR A 52 -22.97 10.83 -10.76
C THR A 52 -23.63 11.74 -11.81
N TYR A 53 -22.85 12.17 -12.81
CA TYR A 53 -23.31 13.16 -13.78
C TYR A 53 -24.38 12.59 -14.70
N HIS A 54 -25.40 13.40 -15.05
CA HIS A 54 -26.46 12.94 -15.93
C HIS A 54 -26.05 12.82 -17.40
N MET A 55 -25.12 13.66 -17.86
CA MET A 55 -24.73 13.69 -19.26
C MET A 55 -23.93 12.50 -19.72
N TYR A 56 -23.10 11.90 -18.85
CA TYR A 56 -22.27 10.75 -19.27
C TYR A 56 -21.71 9.99 -18.08
N ALA A 57 -21.23 8.76 -18.33
CA ALA A 57 -20.57 7.93 -17.34
C ALA A 57 -19.12 8.39 -17.26
N ASP A 58 -18.49 8.22 -16.10
CA ASP A 58 -17.11 8.65 -15.89
C ASP A 58 -16.41 7.62 -14.98
N PRO A 59 -16.08 6.43 -15.52
CA PRO A 59 -15.50 5.37 -14.67
C PRO A 59 -14.13 5.66 -14.10
N ASN A 60 -13.31 6.45 -14.79
CA ASN A 60 -11.98 6.81 -14.27
C ASN A 60 -12.13 7.71 -13.04
N PHE A 61 -13.13 8.62 -13.05
CA PHE A 61 -13.41 9.48 -11.93
C PHE A 61 -14.02 8.67 -10.79
N VAL A 62 -14.91 7.71 -11.09
CA VAL A 62 -15.50 6.85 -10.05
C VAL A 62 -14.40 6.04 -9.36
N ARG A 63 -13.46 5.50 -10.14
CA ARG A 63 -12.34 4.70 -9.62
C ARG A 63 -11.46 5.55 -8.69
N THR A 64 -10.97 6.69 -9.19
CA THR A 64 -10.11 7.61 -8.45
C THR A 64 -10.80 8.21 -7.22
N PHE A 65 -12.07 8.59 -7.33
CA PHE A 65 -12.79 9.18 -6.21
C PHE A 65 -12.93 8.17 -5.07
N LEU A 66 -13.32 6.93 -5.37
CA LEU A 66 -13.51 5.92 -4.33
C LEU A 66 -12.18 5.50 -3.66
N THR A 67 -11.05 5.66 -4.35
CA THR A 67 -9.75 5.37 -3.77
C THR A 67 -9.30 6.54 -2.88
N THR A 68 -9.65 7.81 -3.24
CA THR A 68 -9.11 8.96 -2.53
C THR A 68 -10.02 9.76 -1.62
N TYR A 69 -11.36 9.60 -1.69
CA TYR A 69 -12.29 10.45 -0.94
C TYR A 69 -12.06 10.54 0.59
N ARG A 70 -11.50 9.52 1.24
CA ARG A 70 -11.28 9.57 2.69
C ARG A 70 -10.30 10.70 3.11
N SER A 71 -9.51 11.23 2.17
CA SER A 71 -8.62 12.36 2.39
C SER A 71 -9.37 13.72 2.37
N PHE A 72 -10.68 13.74 2.09
CA PHE A 72 -11.47 14.97 2.14
C PHE A 72 -12.90 14.74 2.61
N CYS A 73 -13.29 13.51 3.01
CA CYS A 73 -14.68 13.21 3.34
C CYS A 73 -14.78 11.88 4.07
N LYS A 74 -15.57 11.80 5.13
CA LYS A 74 -15.74 10.55 5.88
C LYS A 74 -16.66 9.60 5.10
N PRO A 75 -16.49 8.26 5.23
CA PRO A 75 -17.44 7.32 4.61
C PRO A 75 -18.91 7.60 4.96
N GLN A 76 -19.18 8.00 6.22
CA GLN A 76 -20.54 8.29 6.68
C GLN A 76 -21.11 9.52 5.97
N GLU A 77 -20.26 10.54 5.71
CA GLU A 77 -20.66 11.73 4.95
C GLU A 77 -20.85 11.39 3.46
N LEU A 78 -19.99 10.54 2.87
CA LEU A 78 -20.15 10.15 1.47
C LEU A 78 -21.50 9.42 1.26
N LEU A 79 -21.89 8.57 2.22
CA LEU A 79 -23.15 7.86 2.11
C LEU A 79 -24.31 8.84 2.23
N SER A 80 -24.28 9.74 3.22
CA SER A 80 -25.34 10.76 3.36
C SER A 80 -25.50 11.61 2.08
N LEU A 81 -24.36 12.04 1.50
CA LEU A 81 -24.37 12.84 0.27
C LEU A 81 -24.85 12.07 -0.98
N ILE A 82 -24.58 10.75 -1.11
CA ILE A 82 -25.08 10.05 -2.32
C ILE A 82 -26.57 9.72 -2.17
N ILE A 83 -27.08 9.57 -0.92
CA ILE A 83 -28.51 9.38 -0.69
C ILE A 83 -29.21 10.71 -1.07
N GLU A 84 -28.65 11.85 -0.63
CA GLU A 84 -29.21 13.17 -0.94
C GLU A 84 -29.24 13.38 -2.46
N ARG A 85 -28.15 12.96 -3.15
CA ARG A 85 -28.01 13.03 -4.61
C ARG A 85 -29.10 12.24 -5.32
N PHE A 86 -29.47 11.07 -4.76
CA PHE A 86 -30.48 10.15 -5.32
C PHE A 86 -31.90 10.67 -5.17
N GLU A 87 -32.23 11.24 -4.00
CA GLU A 87 -33.57 11.74 -3.70
C GLU A 87 -33.82 13.08 -4.42
N ILE A 88 -34.03 13.03 -5.77
CA ILE A 88 -34.25 14.25 -6.56
C ILE A 88 -35.72 14.66 -6.53
N PRO A 89 -36.06 15.85 -6.01
CA PRO A 89 -37.45 16.31 -6.07
C PRO A 89 -37.77 16.81 -7.48
N GLU A 90 -39.00 16.63 -7.95
CA GLU A 90 -39.38 17.14 -9.27
C GLU A 90 -39.70 18.64 -9.16
N PRO A 91 -39.36 19.46 -10.17
CA PRO A 91 -39.66 20.89 -10.05
C PRO A 91 -41.17 21.17 -9.96
N GLU A 92 -41.53 22.31 -9.36
CA GLU A 92 -42.94 22.68 -9.23
C GLU A 92 -43.53 22.94 -10.62
N PRO A 93 -44.76 22.46 -10.92
CA PRO A 93 -45.34 22.76 -12.24
C PRO A 93 -45.64 24.24 -12.43
N THR A 94 -45.74 24.67 -13.68
CA THR A 94 -46.04 26.07 -14.00
C THR A 94 -47.56 26.28 -13.97
N GLU A 95 -48.17 26.20 -12.76
CA GLU A 95 -49.62 26.37 -12.55
C GLU A 95 -50.49 25.24 -13.14
N ALA A 96 -49.87 24.25 -13.82
CA ALA A 96 -50.63 23.15 -14.43
C ALA A 96 -51.01 22.11 -13.38
N PRO A 107 -52.35 17.72 -19.13
CA PRO A 107 -51.14 18.56 -19.13
C PRO A 107 -50.00 17.84 -19.84
N LEU A 108 -49.46 18.43 -20.93
CA LEU A 108 -48.38 17.81 -21.71
C LEU A 108 -47.19 17.40 -20.83
N SER A 109 -46.76 18.29 -19.92
CA SER A 109 -45.66 18.01 -18.98
C SER A 109 -44.38 17.59 -19.72
N ALA A 110 -44.07 18.23 -20.86
CA ALA A 110 -42.91 17.87 -21.67
C ALA A 110 -41.57 18.02 -20.91
N GLU A 111 -41.35 19.17 -20.25
CA GLU A 111 -40.12 19.38 -19.49
C GLU A 111 -40.03 18.43 -18.29
N LEU A 112 -41.16 18.10 -17.65
CA LEU A 112 -41.16 17.18 -16.52
C LEU A 112 -40.83 15.76 -17.00
N LYS A 113 -41.47 15.29 -18.09
CA LYS A 113 -41.20 13.95 -18.63
C LYS A 113 -39.72 13.83 -19.04
N ARG A 114 -39.17 14.90 -19.61
CA ARG A 114 -37.79 14.92 -20.05
C ARG A 114 -36.83 14.97 -18.85
N PHE A 115 -37.20 15.68 -17.77
CA PHE A 115 -36.41 15.74 -16.55
C PHE A 115 -36.32 14.34 -15.91
N ARG A 116 -37.41 13.57 -15.94
CA ARG A 116 -37.40 12.21 -15.43
C ARG A 116 -36.47 11.34 -16.28
N LYS A 117 -36.61 11.40 -17.60
CA LYS A 117 -35.82 10.60 -18.53
C LYS A 117 -34.32 10.97 -18.60
N GLU A 118 -33.99 12.23 -18.81
CA GLU A 118 -32.62 12.66 -19.05
C GLU A 118 -31.84 13.14 -17.83
N TYR A 119 -32.47 13.30 -16.64
CA TYR A 119 -31.74 13.74 -15.45
C TYR A 119 -31.95 12.78 -14.26
N ILE A 120 -33.19 12.52 -13.80
CA ILE A 120 -33.42 11.66 -12.64
C ILE A 120 -32.90 10.25 -12.90
N GLN A 121 -33.34 9.61 -14.00
CA GLN A 121 -32.96 8.23 -14.26
C GLN A 121 -31.41 8.05 -14.38
N PRO A 122 -30.69 8.80 -15.24
CA PRO A 122 -29.23 8.57 -15.33
C PRO A 122 -28.52 8.84 -14.01
N VAL A 123 -28.89 9.92 -13.27
CA VAL A 123 -28.26 10.21 -11.96
C VAL A 123 -28.53 9.09 -10.97
N GLN A 124 -29.77 8.59 -10.86
CA GLN A 124 -30.10 7.52 -9.90
C GLN A 124 -29.33 6.23 -10.23
N LEU A 125 -29.27 5.86 -11.52
CA LEU A 125 -28.49 4.71 -11.98
C LEU A 125 -27.01 4.89 -11.64
N ARG A 126 -26.50 6.11 -11.79
CA ARG A 126 -25.10 6.43 -11.53
C ARG A 126 -24.79 6.42 -10.03
N VAL A 127 -25.75 6.79 -9.15
CA VAL A 127 -25.56 6.67 -7.70
C VAL A 127 -25.42 5.16 -7.37
N LEU A 128 -26.30 4.33 -7.95
CA LEU A 128 -26.26 2.89 -7.70
C LEU A 128 -25.00 2.23 -8.27
N ASN A 129 -24.46 2.75 -9.38
CA ASN A 129 -23.20 2.25 -9.92
C ASN A 129 -22.06 2.62 -8.95
N VAL A 130 -22.11 3.83 -8.34
CA VAL A 130 -21.10 4.24 -7.36
C VAL A 130 -21.19 3.32 -6.12
N CYS A 131 -22.40 3.00 -5.64
CA CYS A 131 -22.61 2.07 -4.50
C CYS A 131 -22.00 0.68 -4.80
N ARG A 132 -22.23 0.18 -6.04
CA ARG A 132 -21.74 -1.13 -6.50
C ARG A 132 -20.20 -1.14 -6.55
N HIS A 133 -19.58 -0.08 -7.09
CA HIS A 133 -18.12 0.01 -7.13
C HIS A 133 -17.56 0.13 -5.70
N TRP A 134 -18.28 0.85 -4.81
CA TRP A 134 -17.90 1.07 -3.42
C TRP A 134 -17.85 -0.27 -2.64
N VAL A 135 -18.89 -1.12 -2.76
CA VAL A 135 -18.90 -2.40 -2.04
C VAL A 135 -17.97 -3.43 -2.68
N GLU A 136 -17.83 -3.43 -4.01
CA GLU A 136 -16.96 -4.38 -4.68
C GLU A 136 -15.47 -4.09 -4.39
N HIS A 137 -15.03 -2.85 -4.59
CA HIS A 137 -13.61 -2.52 -4.49
C HIS A 137 -13.19 -1.89 -3.18
N HIS A 138 -14.11 -1.49 -2.29
CA HIS A 138 -13.70 -0.89 -1.02
C HIS A 138 -14.56 -1.37 0.12
N PHE A 139 -14.74 -2.69 0.21
CA PHE A 139 -15.57 -3.27 1.26
C PHE A 139 -15.01 -3.06 2.66
N TYR A 140 -13.69 -2.87 2.80
CA TYR A 140 -13.08 -2.59 4.10
C TYR A 140 -13.74 -1.41 4.85
N ASP A 141 -14.31 -0.39 4.12
CA ASP A 141 -15.02 0.74 4.73
C ASP A 141 -16.20 0.23 5.54
N PHE A 142 -16.92 -0.75 4.98
CA PHE A 142 -18.09 -1.38 5.57
C PHE A 142 -17.67 -2.36 6.68
N GLU A 143 -16.56 -3.12 6.50
CA GLU A 143 -16.03 -4.04 7.53
C GLU A 143 -15.62 -3.25 8.77
N ARG A 144 -15.00 -2.06 8.59
CA ARG A 144 -14.55 -1.21 9.71
C ARG A 144 -15.70 -0.48 10.42
N ASP A 145 -16.88 -0.40 9.82
CA ASP A 145 -18.01 0.35 10.37
C ASP A 145 -19.30 -0.39 10.00
N ALA A 146 -19.81 -1.21 10.91
CA ALA A 146 -21.02 -1.99 10.68
C ALA A 146 -22.23 -1.09 10.45
N TYR A 147 -22.32 0.05 11.16
CA TYR A 147 -23.44 0.99 10.97
C TYR A 147 -23.43 1.57 9.54
N LEU A 148 -22.24 1.75 8.92
CA LEU A 148 -22.17 2.23 7.53
C LEU A 148 -22.81 1.21 6.61
N LEU A 149 -22.54 -0.09 6.81
CA LEU A 149 -23.16 -1.16 6.03
C LEU A 149 -24.66 -1.23 6.27
N GLN A 150 -25.07 -1.06 7.52
CA GLN A 150 -26.47 -1.06 7.94
C GLN A 150 -27.22 0.05 7.20
N ARG A 151 -26.63 1.25 7.12
CA ARG A 151 -27.25 2.35 6.37
C ARG A 151 -27.33 2.04 4.86
N MET A 152 -26.25 1.49 4.25
CA MET A 152 -26.25 1.16 2.82
C MET A 152 -27.36 0.16 2.50
N GLU A 153 -27.44 -0.93 3.27
CA GLU A 153 -28.46 -1.97 3.08
C GLU A 153 -29.87 -1.41 3.21
N GLU A 154 -30.08 -0.49 4.16
CA GLU A 154 -31.37 0.18 4.37
C GLU A 154 -31.70 1.07 3.16
N PHE A 155 -30.73 1.88 2.70
CA PHE A 155 -30.94 2.77 1.56
C PHE A 155 -31.34 1.97 0.30
N ILE A 156 -30.49 1.02 -0.14
CA ILE A 156 -30.78 0.25 -1.35
C ILE A 156 -32.10 -0.54 -1.23
N GLY A 157 -32.49 -0.93 -0.02
CA GLY A 157 -33.75 -1.60 0.23
C GLY A 157 -34.99 -0.75 -0.06
N THR A 158 -34.87 0.59 -0.03
CA THR A 158 -36.01 1.48 -0.33
C THR A 158 -36.11 1.85 -1.84
N VAL A 159 -35.17 1.39 -2.68
CA VAL A 159 -35.13 1.69 -4.11
C VAL A 159 -36.23 0.93 -4.87
N ARG A 160 -37.14 1.64 -5.53
CA ARG A 160 -38.26 1.06 -6.27
C ARG A 160 -38.08 1.21 -7.79
N GLY A 161 -38.66 0.27 -8.54
CA GLY A 161 -38.57 0.25 -10.00
C GLY A 161 -37.80 -0.96 -10.50
N LYS A 162 -38.32 -1.67 -11.53
CA LYS A 162 -37.69 -2.88 -12.05
C LYS A 162 -36.25 -2.67 -12.55
N ALA A 163 -36.01 -1.63 -13.37
CA ALA A 163 -34.66 -1.39 -13.90
C ALA A 163 -33.62 -1.21 -12.79
N MET A 164 -33.96 -0.46 -11.74
CA MET A 164 -33.06 -0.21 -10.62
C MET A 164 -32.99 -1.35 -9.63
N LYS A 165 -34.05 -2.18 -9.50
CA LYS A 165 -33.98 -3.36 -8.63
C LYS A 165 -32.88 -4.34 -9.09
N LYS A 166 -32.52 -4.33 -10.40
CA LYS A 166 -31.43 -5.16 -10.92
C LYS A 166 -30.07 -4.68 -10.32
N TRP A 167 -29.90 -3.35 -10.14
CA TRP A 167 -28.72 -2.77 -9.52
C TRP A 167 -28.68 -3.10 -8.02
N VAL A 168 -29.84 -3.07 -7.35
CA VAL A 168 -29.95 -3.42 -5.93
C VAL A 168 -29.60 -4.90 -5.74
N GLU A 169 -30.06 -5.77 -6.66
CA GLU A 169 -29.76 -7.19 -6.60
C GLU A 169 -28.24 -7.41 -6.75
N SER A 170 -27.57 -6.71 -7.70
CA SER A 170 -26.14 -6.88 -7.87
C SER A 170 -25.37 -6.34 -6.65
N ILE A 171 -25.80 -5.20 -6.07
CA ILE A 171 -25.15 -4.66 -4.88
C ILE A 171 -25.34 -5.65 -3.71
N THR A 172 -26.55 -6.20 -3.54
CA THR A 172 -26.84 -7.17 -2.47
C THR A 172 -26.00 -8.44 -2.62
N LYS A 173 -25.88 -8.97 -3.86
CA LYS A 173 -25.04 -10.16 -4.10
C LYS A 173 -23.59 -9.90 -3.76
N ILE A 174 -23.07 -8.69 -4.10
CA ILE A 174 -21.68 -8.36 -3.79
C ILE A 174 -21.49 -8.31 -2.29
N ILE A 175 -22.41 -7.66 -1.53
CA ILE A 175 -22.30 -7.59 -0.06
C ILE A 175 -22.25 -9.01 0.54
N GLN A 176 -23.13 -9.92 0.08
CA GLN A 176 -23.15 -11.31 0.53
C GLN A 176 -21.79 -11.97 0.26
N ARG A 177 -21.30 -11.86 -0.99
CA ARG A 177 -20.00 -12.40 -1.41
C ARG A 177 -18.86 -11.89 -0.51
N LYS A 178 -18.84 -10.58 -0.21
CA LYS A 178 -17.79 -9.99 0.62
C LYS A 178 -17.90 -10.42 2.09
N LYS A 179 -19.12 -10.60 2.61
CA LYS A 179 -19.31 -11.05 3.99
C LYS A 179 -18.75 -12.46 4.17
N ILE A 180 -18.93 -13.33 3.16
CA ILE A 180 -18.42 -14.70 3.23
C ILE A 180 -16.90 -14.70 3.33
N ALA A 181 -16.24 -13.84 2.52
CA ALA A 181 -14.79 -13.71 2.54
C ALA A 181 -14.33 -12.87 3.72
N PHE A 192 -1.16 -24.28 -5.88
CA PHE A 192 0.21 -24.25 -6.37
C PHE A 192 0.29 -24.55 -7.88
N GLN A 193 1.15 -23.80 -8.60
CA GLN A 193 1.33 -23.95 -10.04
C GLN A 193 2.15 -25.22 -10.28
N SER A 194 3.27 -25.36 -9.53
CA SER A 194 4.15 -26.53 -9.57
C SER A 194 4.34 -27.08 -8.14
N SER A 195 5.01 -28.23 -8.00
CA SER A 195 5.25 -28.81 -6.69
C SER A 195 6.26 -27.92 -5.90
N PRO A 196 5.90 -27.37 -4.72
CA PRO A 196 6.88 -26.54 -4.00
C PRO A 196 8.11 -27.33 -3.53
N PRO A 197 9.29 -26.69 -3.47
CA PRO A 197 10.50 -27.41 -3.04
C PRO A 197 10.52 -27.75 -1.55
N THR A 198 11.31 -28.77 -1.19
CA THR A 198 11.46 -29.17 0.21
C THR A 198 12.04 -28.05 1.08
N VAL A 199 11.50 -27.91 2.30
CA VAL A 199 11.93 -26.93 3.29
C VAL A 199 13.38 -27.26 3.68
N GLU A 200 14.25 -26.25 3.76
CA GLU A 200 15.67 -26.40 4.05
C GLU A 200 15.97 -26.09 5.51
N TRP A 201 16.83 -26.90 6.14
CA TRP A 201 17.23 -26.70 7.53
C TRP A 201 18.76 -26.71 7.62
N HIS A 202 19.32 -26.03 8.63
CA HIS A 202 20.77 -25.95 8.83
C HIS A 202 21.12 -26.41 10.27
N ILE A 203 21.46 -25.51 11.24
CA ILE A 203 21.81 -25.91 12.61
C ILE A 203 20.55 -26.17 13.43
N SER A 204 19.63 -25.20 13.44
CA SER A 204 18.37 -25.35 14.17
C SER A 204 17.57 -26.48 13.55
N ARG A 205 17.38 -27.56 14.29
CA ARG A 205 16.57 -28.67 13.83
C ARG A 205 15.08 -28.24 13.78
N PRO A 206 14.26 -28.85 12.90
CA PRO A 206 12.84 -28.48 12.84
C PRO A 206 12.10 -28.45 14.19
N GLY A 207 11.37 -27.36 14.45
CA GLY A 207 10.60 -27.23 15.68
C GLY A 207 11.37 -26.69 16.87
N HIS A 208 12.70 -26.55 16.75
CA HIS A 208 13.51 -26.04 17.84
C HIS A 208 13.55 -24.52 17.77
N ILE A 209 12.38 -23.87 17.99
CA ILE A 209 12.20 -22.42 17.88
C ILE A 209 13.13 -21.61 18.79
N GLU A 210 13.47 -22.15 19.96
CA GLU A 210 14.35 -21.46 20.91
C GLU A 210 15.74 -21.15 20.31
N THR A 211 16.22 -21.95 19.37
CA THR A 211 17.53 -21.72 18.75
C THR A 211 17.44 -20.94 17.43
N PHE A 212 16.23 -20.70 16.87
CA PHE A 212 16.06 -19.97 15.60
C PHE A 212 16.78 -18.63 15.64
N ASP A 213 17.62 -18.38 14.64
CA ASP A 213 18.41 -17.16 14.55
C ASP A 213 18.98 -17.01 13.13
N LEU A 214 19.64 -15.88 12.85
CA LEU A 214 20.17 -15.60 11.53
C LEU A 214 21.09 -16.70 10.99
N LEU A 215 22.09 -17.14 11.78
CA LEU A 215 23.05 -18.16 11.36
C LEU A 215 22.56 -19.59 11.57
N THR A 216 21.54 -19.83 12.45
CA THR A 216 21.11 -21.20 12.72
C THR A 216 20.05 -21.70 11.74
N LEU A 217 19.17 -20.83 11.24
CA LEU A 217 18.24 -21.24 10.19
C LEU A 217 18.99 -21.32 8.84
N HIS A 218 18.46 -22.08 7.88
CA HIS A 218 19.11 -22.21 6.58
C HIS A 218 18.89 -20.89 5.83
N PRO A 219 19.93 -20.29 5.21
CA PRO A 219 19.73 -19.00 4.53
C PRO A 219 18.69 -19.05 3.41
N ILE A 220 18.50 -20.24 2.77
CA ILE A 220 17.50 -20.37 1.72
C ILE A 220 16.13 -20.22 2.33
N GLU A 221 15.88 -20.92 3.46
CA GLU A 221 14.58 -20.89 4.09
C GLU A 221 14.27 -19.56 4.72
N ILE A 222 15.28 -18.84 5.21
CA ILE A 222 15.09 -17.48 5.72
C ILE A 222 14.54 -16.62 4.58
N ALA A 223 15.15 -16.73 3.38
CA ALA A 223 14.73 -15.97 2.21
C ALA A 223 13.39 -16.42 1.65
N ARG A 224 13.04 -17.72 1.71
CA ARG A 224 11.75 -18.21 1.23
C ARG A 224 10.63 -17.75 2.17
N GLN A 225 10.83 -17.90 3.49
CA GLN A 225 9.81 -17.51 4.47
C GLN A 225 9.62 -16.00 4.59
N LEU A 226 10.71 -15.23 4.47
CA LEU A 226 10.58 -13.77 4.47
C LEU A 226 9.85 -13.29 3.23
N THR A 227 10.06 -13.97 2.08
CA THR A 227 9.39 -13.65 0.82
C THR A 227 7.89 -13.95 0.92
N LEU A 228 7.47 -15.08 1.52
CA LEU A 228 6.05 -15.40 1.68
C LEU A 228 5.41 -14.39 2.61
N LEU A 229 6.10 -14.04 3.70
CA LEU A 229 5.62 -13.06 4.66
C LEU A 229 5.46 -11.68 3.92
N GLU A 230 6.46 -11.25 3.15
CA GLU A 230 6.40 -9.97 2.45
C GLU A 230 5.45 -9.95 1.28
N SER A 231 5.22 -11.10 0.63
CA SER A 231 4.27 -11.21 -0.45
C SER A 231 2.86 -11.03 0.14
N ASP A 232 2.55 -11.71 1.28
CA ASP A 232 1.24 -11.54 1.94
C ASP A 232 1.05 -10.11 2.40
N LEU A 233 2.07 -9.49 3.00
CA LEU A 233 1.98 -8.11 3.45
C LEU A 233 1.76 -7.13 2.30
N TYR A 234 2.47 -7.31 1.17
CA TYR A 234 2.30 -6.45 0.00
C TYR A 234 0.87 -6.57 -0.57
N ARG A 235 0.37 -7.81 -0.71
CA ARG A 235 -0.96 -8.12 -1.25
C ARG A 235 -2.10 -7.59 -0.39
N ALA A 236 -1.90 -7.50 0.94
CA ALA A 236 -2.91 -6.98 1.87
C ALA A 236 -3.07 -5.45 1.82
N VAL A 237 -2.09 -4.71 1.26
CA VAL A 237 -2.18 -3.24 1.21
C VAL A 237 -3.18 -2.77 0.15
N GLN A 238 -4.30 -2.15 0.59
CA GLN A 238 -5.29 -1.59 -0.33
C GLN A 238 -4.79 -0.23 -0.82
N PRO A 239 -4.96 0.11 -2.10
CA PRO A 239 -4.47 1.42 -2.58
C PRO A 239 -4.84 2.65 -1.75
N SER A 240 -6.07 2.72 -1.21
CA SER A 240 -6.53 3.87 -0.44
C SER A 240 -5.74 4.12 0.87
N GLU A 241 -5.09 3.07 1.39
CA GLU A 241 -4.27 3.15 2.60
C GLU A 241 -3.09 4.10 2.43
N LEU A 242 -2.63 4.34 1.19
CA LEU A 242 -1.52 5.24 0.93
C LEU A 242 -1.95 6.70 0.66
N VAL A 243 -3.27 7.01 0.64
CA VAL A 243 -3.73 8.37 0.35
C VAL A 243 -3.71 9.21 1.62
N GLY A 244 -3.16 10.43 1.53
CA GLY A 244 -3.06 11.39 2.63
C GLY A 244 -2.64 10.81 3.96
N SER A 245 -1.57 9.99 3.98
CA SER A 245 -1.13 9.32 5.21
C SER A 245 0.34 8.92 5.31
N VAL A 246 1.09 8.80 4.18
CA VAL A 246 2.48 8.29 4.23
C VAL A 246 3.48 9.45 4.44
N GLU A 253 -3.54 3.36 11.13
CA GLU A 253 -4.37 3.12 12.31
C GLU A 253 -5.83 3.25 11.90
N ILE A 254 -6.53 2.10 11.62
CA ILE A 254 -7.92 2.02 11.13
C ILE A 254 -7.94 2.43 9.64
N ASN A 255 -7.39 3.59 9.33
CA ASN A 255 -7.28 4.11 7.97
C ASN A 255 -6.32 3.24 7.13
N SER A 256 -5.17 2.84 7.74
CA SER A 256 -4.11 2.14 7.01
C SER A 256 -3.46 1.00 7.84
N PRO A 257 -4.23 -0.04 8.22
CA PRO A 257 -3.64 -1.13 9.02
C PRO A 257 -2.60 -2.01 8.32
N ASN A 258 -2.82 -2.29 7.03
CA ASN A 258 -1.93 -3.14 6.25
C ASN A 258 -0.67 -2.39 5.85
N LEU A 259 -0.79 -1.08 5.52
CA LEU A 259 0.36 -0.24 5.23
C LEU A 259 1.27 -0.17 6.47
N LEU A 260 0.66 0.06 7.65
CA LEU A 260 1.40 0.13 8.90
C LEU A 260 2.16 -1.20 9.16
N LYS A 261 1.50 -2.35 8.99
CA LYS A 261 2.13 -3.65 9.20
C LYS A 261 3.31 -3.88 8.20
N MET A 262 3.13 -3.43 6.93
CA MET A 262 4.17 -3.53 5.91
C MET A 262 5.38 -2.66 6.28
N ILE A 263 5.16 -1.41 6.72
CA ILE A 263 6.24 -0.50 7.09
C ILE A 263 6.97 -1.03 8.33
N ARG A 264 6.23 -1.49 9.37
CA ARG A 264 6.84 -2.05 10.58
C ARG A 264 7.70 -3.27 10.23
N HIS A 265 7.22 -4.15 9.33
CA HIS A 265 8.01 -5.31 8.91
C HIS A 265 9.35 -4.86 8.30
N THR A 266 9.32 -3.91 7.38
CA THR A 266 10.53 -3.44 6.71
C THR A 266 11.49 -2.80 7.69
N THR A 267 10.96 -1.95 8.62
CA THR A 267 11.80 -1.34 9.65
C THR A 267 12.41 -2.44 10.54
N ASN A 268 11.59 -3.31 11.10
CA ASN A 268 12.06 -4.38 11.98
C ASN A 268 13.08 -5.31 11.31
N LEU A 269 12.86 -5.71 10.03
CA LEU A 269 13.79 -6.62 9.36
C LEU A 269 15.10 -5.92 9.04
N THR A 270 15.05 -4.68 8.54
CA THR A 270 16.28 -3.93 8.23
C THR A 270 17.11 -3.70 9.48
N LEU A 271 16.47 -3.27 10.58
CA LEU A 271 17.15 -3.02 11.84
C LEU A 271 17.62 -4.31 12.49
N TRP A 272 16.92 -5.45 12.25
CA TRP A 272 17.35 -6.75 12.77
C TRP A 272 18.68 -7.15 12.10
N PHE A 273 18.80 -6.95 10.76
CA PHE A 273 20.04 -7.26 10.06
C PHE A 273 21.19 -6.42 10.62
N GLU A 274 20.96 -5.11 10.80
CA GLU A 274 21.96 -4.21 11.37
C GLU A 274 22.37 -4.65 12.77
N LYS A 275 21.40 -4.93 13.65
CA LYS A 275 21.64 -5.41 15.02
C LYS A 275 22.46 -6.73 15.02
N CYS A 276 22.10 -7.71 14.16
CA CYS A 276 22.84 -8.95 14.05
C CYS A 276 24.31 -8.68 13.64
N ILE A 277 24.56 -7.64 12.83
CA ILE A 277 25.90 -7.30 12.40
C ILE A 277 26.71 -6.62 13.56
N VAL A 278 26.25 -5.47 14.05
CA VAL A 278 27.02 -4.70 15.03
C VAL A 278 27.07 -5.36 16.41
N GLU A 279 26.04 -6.13 16.83
CA GLU A 279 26.11 -6.83 18.14
C GLU A 279 26.98 -8.09 18.10
N THR A 280 27.49 -8.49 16.91
CA THR A 280 28.44 -9.58 16.80
C THR A 280 29.81 -8.88 16.83
N GLU A 281 30.39 -8.69 18.03
CA GLU A 281 31.64 -7.96 18.21
C GLU A 281 32.88 -8.69 17.67
N ASN A 282 32.84 -10.02 17.64
CA ASN A 282 33.96 -10.80 17.15
C ASN A 282 34.05 -10.64 15.64
N LEU A 283 35.22 -10.26 15.13
CA LEU A 283 35.41 -9.96 13.72
C LEU A 283 35.01 -11.12 12.81
N GLU A 284 35.53 -12.33 13.10
CA GLU A 284 35.28 -13.53 12.30
C GLU A 284 33.82 -13.92 12.27
N GLU A 285 33.13 -13.80 13.41
CA GLU A 285 31.70 -14.09 13.48
C GLU A 285 30.89 -13.04 12.73
N ARG A 286 31.29 -11.76 12.81
CA ARG A 286 30.61 -10.67 12.13
C ARG A 286 30.75 -10.85 10.61
N VAL A 287 31.91 -11.30 10.13
CA VAL A 287 32.09 -11.61 8.71
C VAL A 287 31.08 -12.71 8.28
N ALA A 288 30.97 -13.79 9.06
CA ALA A 288 30.01 -14.86 8.80
C ALA A 288 28.54 -14.34 8.79
N VAL A 289 28.19 -13.36 9.67
CA VAL A 289 26.85 -12.75 9.71
C VAL A 289 26.60 -11.92 8.43
N VAL A 290 27.56 -11.06 8.06
CA VAL A 290 27.41 -10.21 6.87
C VAL A 290 27.30 -11.08 5.62
N SER A 291 28.20 -12.07 5.52
CA SER A 291 28.22 -13.00 4.39
C SER A 291 26.88 -13.76 4.27
N ARG A 292 26.27 -14.15 5.39
CA ARG A 292 25.01 -14.88 5.36
C ARG A 292 23.87 -13.98 4.87
N ILE A 293 23.88 -12.70 5.27
CA ILE A 293 22.86 -11.75 4.81
C ILE A 293 23.00 -11.55 3.28
N ILE A 294 24.23 -11.52 2.74
CA ILE A 294 24.42 -11.40 1.29
C ILE A 294 23.87 -12.64 0.57
N GLU A 295 24.00 -13.82 1.18
CA GLU A 295 23.43 -15.05 0.64
C GLU A 295 21.91 -15.00 0.68
N ILE A 296 21.31 -14.45 1.76
CA ILE A 296 19.85 -14.26 1.84
C ILE A 296 19.40 -13.31 0.69
N LEU A 297 20.21 -12.28 0.38
CA LEU A 297 19.92 -11.37 -0.72
C LEU A 297 19.95 -12.13 -2.05
N GLN A 298 20.97 -13.01 -2.30
CA GLN A 298 21.01 -13.80 -3.54
C GLN A 298 19.75 -14.62 -3.74
N VAL A 299 19.21 -15.22 -2.67
CA VAL A 299 17.99 -16.03 -2.80
C VAL A 299 16.77 -15.11 -3.00
N PHE A 300 16.75 -13.90 -2.38
CA PHE A 300 15.71 -12.90 -2.63
C PHE A 300 15.75 -12.50 -4.14
N GLN A 301 16.94 -12.45 -4.76
CA GLN A 301 17.08 -12.15 -6.19
C GLN A 301 16.52 -13.29 -7.04
N GLU A 302 16.85 -14.55 -6.71
CA GLU A 302 16.29 -15.71 -7.43
C GLU A 302 14.77 -15.72 -7.33
N LEU A 303 14.21 -15.31 -6.16
CA LEU A 303 12.76 -15.27 -5.95
C LEU A 303 12.09 -13.98 -6.49
N ASN A 304 12.86 -13.00 -6.99
CA ASN A 304 12.32 -11.73 -7.47
C ASN A 304 11.66 -10.97 -6.31
N ASN A 305 12.20 -11.10 -5.09
CA ASN A 305 11.68 -10.36 -3.96
C ASN A 305 12.52 -9.12 -3.93
N PHE A 306 12.10 -8.09 -4.68
CA PHE A 306 12.86 -6.84 -4.75
C PHE A 306 12.74 -6.06 -3.45
N ASN A 307 11.61 -6.20 -2.73
CA ASN A 307 11.44 -5.59 -1.42
C ASN A 307 12.53 -6.08 -0.45
N GLY A 308 12.77 -7.38 -0.45
CA GLY A 308 13.78 -7.99 0.40
C GLY A 308 15.18 -7.64 -0.01
N VAL A 309 15.46 -7.59 -1.34
CA VAL A 309 16.78 -7.16 -1.86
C VAL A 309 17.12 -5.74 -1.32
N LEU A 310 16.18 -4.81 -1.42
CA LEU A 310 16.42 -3.44 -1.02
C LEU A 310 16.31 -3.23 0.50
N GLU A 311 15.73 -4.18 1.26
CA GLU A 311 15.81 -4.15 2.72
C GLU A 311 17.28 -4.47 3.13
N VAL A 312 17.90 -5.44 2.45
CA VAL A 312 19.29 -5.80 2.73
C VAL A 312 20.20 -4.63 2.36
N VAL A 313 19.99 -4.01 1.19
CA VAL A 313 20.80 -2.87 0.75
C VAL A 313 20.69 -1.73 1.75
N SER A 314 19.49 -1.44 2.21
CA SER A 314 19.26 -0.39 3.21
C SER A 314 20.04 -0.68 4.51
N ALA A 315 20.07 -1.96 4.99
CA ALA A 315 20.84 -2.35 6.18
C ALA A 315 22.34 -2.20 5.92
N MET A 316 22.80 -2.62 4.72
CA MET A 316 24.22 -2.54 4.36
C MET A 316 24.68 -1.09 4.13
N ASN A 317 23.77 -0.18 3.76
CA ASN A 317 24.09 1.24 3.59
C ASN A 317 23.92 2.08 4.85
N SER A 318 23.32 1.51 5.92
CA SER A 318 23.14 2.28 7.15
C SER A 318 24.50 2.69 7.73
N SER A 319 24.55 3.85 8.39
CA SER A 319 25.79 4.37 8.98
C SER A 319 26.58 3.37 9.86
N PRO A 320 25.95 2.56 10.73
CA PRO A 320 26.73 1.62 11.55
C PRO A 320 27.38 0.49 10.74
N VAL A 321 26.72 0.01 9.67
CA VAL A 321 27.23 -1.10 8.87
C VAL A 321 28.21 -0.63 7.75
N TYR A 322 27.85 0.41 7.00
CA TYR A 322 28.65 0.89 5.88
C TYR A 322 30.12 1.19 6.26
N ARG A 323 30.35 1.73 7.46
CA ARG A 323 31.69 2.06 7.91
C ARG A 323 32.54 0.87 8.39
N LEU A 324 32.04 -0.37 8.32
CA LEU A 324 32.81 -1.52 8.81
C LEU A 324 33.78 -2.06 7.77
N ASP A 325 34.82 -1.26 7.49
CA ASP A 325 35.87 -1.57 6.52
C ASP A 325 36.61 -2.88 6.81
N HIS A 326 36.90 -3.18 8.08
CA HIS A 326 37.59 -4.42 8.45
C HIS A 326 36.72 -5.64 8.18
N THR A 327 35.40 -5.50 8.36
CA THR A 327 34.48 -6.60 8.10
C THR A 327 34.37 -6.88 6.58
N PHE A 328 34.06 -5.85 5.77
CA PHE A 328 33.89 -6.01 4.33
C PHE A 328 35.19 -6.38 3.58
N GLU A 329 36.35 -6.17 4.20
CA GLU A 329 37.65 -6.56 3.64
C GLU A 329 37.70 -8.11 3.52
N GLN A 330 37.12 -8.84 4.49
CA GLN A 330 37.10 -10.31 4.46
C GLN A 330 35.96 -10.91 3.63
N ILE A 331 35.04 -10.09 3.08
CA ILE A 331 33.93 -10.60 2.27
C ILE A 331 34.45 -10.94 0.87
N PRO A 332 34.18 -12.15 0.31
CA PRO A 332 34.69 -12.45 -1.04
C PRO A 332 34.21 -11.47 -2.10
N SER A 333 35.01 -11.31 -3.18
CA SER A 333 34.74 -10.44 -4.32
C SER A 333 33.38 -10.71 -4.95
N ARG A 334 33.02 -11.99 -5.14
CA ARG A 334 31.74 -12.38 -5.72
C ARG A 334 30.58 -11.88 -4.87
N GLN A 335 30.70 -11.96 -3.53
CA GLN A 335 29.65 -11.47 -2.64
C GLN A 335 29.58 -9.94 -2.67
N LYS A 336 30.75 -9.25 -2.75
CA LYS A 336 30.76 -7.79 -2.88
C LYS A 336 30.08 -7.37 -4.17
N LYS A 337 30.35 -8.07 -5.30
CA LYS A 337 29.70 -7.75 -6.58
C LYS A 337 28.18 -7.85 -6.46
N ILE A 338 27.68 -8.87 -5.77
CA ILE A 338 26.24 -9.06 -5.59
C ILE A 338 25.61 -7.88 -4.87
N LEU A 339 26.24 -7.41 -3.81
CA LEU A 339 25.74 -6.31 -3.00
C LEU A 339 25.88 -4.96 -3.73
N GLU A 340 27.00 -4.77 -4.43
CA GLU A 340 27.24 -3.55 -5.19
C GLU A 340 26.19 -3.41 -6.30
N GLU A 341 25.87 -4.51 -6.99
CA GLU A 341 24.85 -4.47 -8.03
C GLU A 341 23.45 -4.29 -7.48
N ALA A 342 23.16 -4.84 -6.30
CA ALA A 342 21.86 -4.66 -5.68
C ALA A 342 21.68 -3.16 -5.31
N HIS A 343 22.77 -2.46 -4.91
CA HIS A 343 22.71 -1.02 -4.61
C HIS A 343 22.39 -0.22 -5.89
N GLU A 344 23.06 -0.55 -7.02
CA GLU A 344 22.85 0.13 -8.29
C GLU A 344 21.39 0.04 -8.79
N LEU A 345 20.58 -0.85 -8.22
CA LEU A 345 19.16 -0.92 -8.53
C LEU A 345 18.47 0.41 -8.11
N SER A 346 18.94 1.05 -7.04
CA SER A 346 18.35 2.29 -6.50
C SER A 346 18.86 3.58 -7.16
N GLU A 347 19.97 3.52 -7.89
CA GLU A 347 20.54 4.69 -8.52
C GLU A 347 19.64 5.28 -9.62
N ASP A 348 19.68 6.62 -9.77
CA ASP A 348 18.90 7.35 -10.77
C ASP A 348 17.41 7.14 -10.59
N HIS A 349 16.92 7.31 -9.36
CA HIS A 349 15.52 7.11 -9.01
C HIS A 349 15.04 5.70 -9.38
N TYR A 350 15.79 4.69 -8.94
CA TYR A 350 15.46 3.26 -9.13
C TYR A 350 15.33 2.83 -10.60
N LYS A 351 16.17 3.40 -11.46
CA LYS A 351 16.17 3.12 -12.90
C LYS A 351 16.35 1.62 -13.26
N LYS A 352 17.41 0.99 -12.75
CA LYS A 352 17.69 -0.41 -13.05
C LYS A 352 16.65 -1.33 -12.37
N TYR A 353 16.18 -0.96 -11.16
CA TYR A 353 15.09 -1.68 -10.48
C TYR A 353 13.84 -1.73 -11.37
N LEU A 354 13.36 -0.58 -11.85
CA LEU A 354 12.16 -0.54 -12.69
C LEU A 354 12.33 -1.38 -13.96
N ALA A 355 13.53 -1.37 -14.58
CA ALA A 355 13.77 -2.20 -15.77
C ALA A 355 13.70 -3.69 -15.41
N LYS A 356 14.30 -4.08 -14.27
CA LYS A 356 14.26 -5.49 -13.83
C LYS A 356 12.82 -5.95 -13.53
N LEU A 357 12.05 -5.14 -12.77
CA LEU A 357 10.66 -5.44 -12.42
C LEU A 357 9.82 -5.71 -13.70
N ARG A 358 9.86 -4.77 -14.68
CA ARG A 358 9.14 -4.88 -15.95
C ARG A 358 9.56 -6.12 -16.77
N SER A 359 10.87 -6.43 -16.81
CA SER A 359 11.40 -7.54 -17.59
C SER A 359 11.29 -8.92 -16.90
N ILE A 360 10.78 -8.96 -15.67
CA ILE A 360 10.72 -10.18 -14.87
C ILE A 360 9.41 -10.94 -15.10
N ASN A 361 9.45 -12.23 -14.86
CA ASN A 361 8.26 -13.09 -14.93
C ASN A 361 7.78 -13.30 -13.49
N PRO A 362 6.47 -13.25 -13.23
CA PRO A 362 6.00 -13.51 -11.85
C PRO A 362 6.26 -14.95 -11.39
N PRO A 363 6.27 -15.22 -10.07
CA PRO A 363 5.97 -14.29 -8.97
C PRO A 363 7.10 -13.36 -8.58
N CYS A 364 6.74 -12.22 -7.99
CA CYS A 364 7.66 -11.21 -7.51
C CYS A 364 7.06 -10.49 -6.30
N VAL A 365 7.91 -9.77 -5.54
CA VAL A 365 7.49 -8.90 -4.44
C VAL A 365 8.10 -7.57 -4.85
N PRO A 366 7.36 -6.63 -5.45
CA PRO A 366 8.00 -5.36 -5.84
C PRO A 366 8.48 -4.56 -4.63
N PHE A 367 9.45 -3.68 -4.86
CA PHE A 367 9.96 -2.80 -3.82
C PHE A 367 8.84 -1.83 -3.44
N PHE A 368 8.37 -1.90 -2.19
CA PHE A 368 7.25 -1.11 -1.73
C PHE A 368 7.60 0.35 -1.38
N GLY A 369 8.79 0.59 -0.85
CA GLY A 369 9.26 1.92 -0.47
C GLY A 369 9.18 2.98 -1.55
N ILE A 370 9.33 2.60 -2.83
CA ILE A 370 9.28 3.55 -3.94
C ILE A 370 7.92 4.24 -4.04
N TYR A 371 6.82 3.52 -3.80
CA TYR A 371 5.47 4.10 -3.84
C TYR A 371 5.34 5.18 -2.77
N LEU A 372 5.85 4.89 -1.56
CA LEU A 372 5.78 5.83 -0.45
C LEU A 372 6.62 7.07 -0.72
N THR A 373 7.77 6.90 -1.36
CA THR A 373 8.63 8.02 -1.73
C THR A 373 7.93 8.88 -2.78
N ASN A 374 7.40 8.27 -3.85
CA ASN A 374 6.73 9.02 -4.92
C ASN A 374 5.45 9.69 -4.46
N ILE A 375 4.72 9.09 -3.50
CA ILE A 375 3.52 9.72 -2.97
C ILE A 375 3.92 10.98 -2.18
N LEU A 376 4.96 10.90 -1.33
CA LEU A 376 5.44 12.08 -0.58
C LEU A 376 5.93 13.16 -1.52
N LYS A 377 6.65 12.79 -2.61
CA LYS A 377 7.13 13.74 -3.61
C LYS A 377 5.94 14.45 -4.30
N THR A 378 4.85 13.72 -4.54
CA THR A 378 3.64 14.28 -5.16
C THR A 378 2.87 15.18 -4.20
N GLU A 379 2.71 14.76 -2.95
CA GLU A 379 1.95 15.49 -1.95
C GLU A 379 2.67 16.70 -1.34
N GLU A 380 4.02 16.70 -1.27
CA GLU A 380 4.73 17.81 -0.66
C GLU A 380 4.57 19.07 -1.48
N GLY A 381 4.31 20.20 -0.82
CA GLY A 381 4.11 21.46 -1.51
C GLY A 381 2.86 21.51 -2.37
N ASN A 382 2.09 20.38 -2.48
CA ASN A 382 0.87 20.34 -3.26
C ASN A 382 -0.30 20.72 -2.32
N PRO A 383 -1.02 21.82 -2.59
CA PRO A 383 -2.03 22.29 -1.63
C PRO A 383 -3.24 21.40 -1.42
N GLU A 384 -3.74 21.37 -0.18
CA GLU A 384 -4.96 20.60 0.13
C GLU A 384 -6.20 21.20 -0.56
N VAL A 385 -6.20 22.50 -0.76
CA VAL A 385 -7.37 23.22 -1.27
C VAL A 385 -6.93 24.38 -2.16
N LEU A 386 -7.84 24.77 -3.05
CA LEU A 386 -7.72 25.97 -3.85
C LEU A 386 -8.76 26.91 -3.25
N LYS A 387 -8.45 28.19 -3.19
CA LYS A 387 -9.34 29.19 -2.64
C LYS A 387 -9.70 30.17 -3.76
N ARG A 388 -11.01 30.41 -3.94
CA ARG A 388 -11.54 31.31 -4.96
C ARG A 388 -12.73 32.04 -4.37
N HIS A 389 -12.70 33.38 -4.42
CA HIS A 389 -13.74 34.26 -3.87
C HIS A 389 -14.06 33.93 -2.41
N GLY A 390 -13.05 33.72 -1.60
CA GLY A 390 -13.23 33.38 -0.19
C GLY A 390 -13.70 31.96 0.09
N LYS A 391 -14.07 31.20 -0.95
CA LYS A 391 -14.53 29.83 -0.79
C LYS A 391 -13.39 28.85 -0.95
N GLU A 392 -13.56 27.67 -0.36
CA GLU A 392 -12.61 26.59 -0.38
C GLU A 392 -13.08 25.48 -1.31
N LEU A 393 -12.18 25.00 -2.18
CA LEU A 393 -12.42 23.89 -3.11
C LEU A 393 -11.36 22.85 -2.80
N ILE A 394 -11.74 21.58 -2.73
CA ILE A 394 -10.79 20.50 -2.50
C ILE A 394 -9.89 20.37 -3.74
N ASN A 395 -8.57 20.23 -3.55
CA ASN A 395 -7.65 20.04 -4.68
C ASN A 395 -7.72 18.54 -5.10
N PHE A 396 -8.55 18.20 -6.07
CA PHE A 396 -8.71 16.84 -6.56
C PHE A 396 -7.52 16.39 -7.44
N SER A 397 -6.82 17.29 -8.13
CA SER A 397 -5.60 16.92 -8.89
C SER A 397 -4.58 16.21 -8.00
N LYS A 398 -4.41 16.69 -6.76
CA LYS A 398 -3.48 16.12 -5.80
C LYS A 398 -3.84 14.66 -5.53
N ARG A 399 -5.14 14.39 -5.33
CA ARG A 399 -5.69 13.05 -5.08
C ARG A 399 -5.53 12.19 -6.34
N ARG A 400 -5.81 12.74 -7.53
CA ARG A 400 -5.67 12.01 -8.80
C ARG A 400 -4.24 11.55 -9.03
N LYS A 401 -3.25 12.42 -8.81
CA LYS A 401 -1.84 12.04 -8.98
C LYS A 401 -1.41 10.96 -7.97
N VAL A 402 -1.96 10.97 -6.74
CA VAL A 402 -1.64 9.92 -5.77
C VAL A 402 -2.28 8.61 -6.23
N ALA A 403 -3.54 8.65 -6.71
CA ALA A 403 -4.24 7.46 -7.18
C ALA A 403 -3.52 6.77 -8.35
N GLU A 404 -2.87 7.54 -9.23
CA GLU A 404 -2.15 6.96 -10.36
C GLU A 404 -0.92 6.16 -9.87
N ILE A 405 -0.25 6.63 -8.80
CA ILE A 405 0.88 5.92 -8.20
C ILE A 405 0.36 4.65 -7.53
N THR A 406 -0.68 4.76 -6.67
CA THR A 406 -1.23 3.59 -5.96
C THR A 406 -1.84 2.55 -6.90
N GLY A 407 -2.35 3.00 -8.05
CA GLY A 407 -2.89 2.11 -9.07
C GLY A 407 -1.84 1.17 -9.64
N GLU A 408 -0.54 1.53 -9.56
CA GLU A 408 0.57 0.69 -10.02
C GLU A 408 0.90 -0.47 -9.05
N ILE A 409 0.36 -0.46 -7.82
CA ILE A 409 0.64 -1.49 -6.81
C ILE A 409 -0.13 -2.78 -7.08
N GLN A 410 -1.38 -2.67 -7.50
CA GLN A 410 -2.27 -3.81 -7.71
C GLN A 410 -1.84 -4.80 -8.79
N GLN A 411 -1.18 -4.36 -9.87
CA GLN A 411 -0.79 -5.27 -10.95
C GLN A 411 0.17 -6.41 -10.50
N TYR A 412 0.74 -6.33 -9.28
CA TYR A 412 1.64 -7.35 -8.73
C TYR A 412 1.08 -8.03 -7.45
N GLN A 413 -0.23 -7.84 -7.15
CA GLN A 413 -0.86 -8.38 -5.95
C GLN A 413 -1.60 -9.74 -6.15
N ASN A 414 -1.52 -10.37 -7.33
CA ASN A 414 -2.17 -11.67 -7.58
C ASN A 414 -1.12 -12.64 -8.11
N GLN A 415 0.01 -12.74 -7.40
CA GLN A 415 1.15 -13.56 -7.78
C GLN A 415 1.60 -14.44 -6.59
N PRO A 416 0.88 -15.53 -6.30
CA PRO A 416 1.27 -16.38 -5.17
C PRO A 416 2.53 -17.16 -5.47
N TYR A 417 3.38 -17.35 -4.44
CA TYR A 417 4.61 -18.11 -4.59
C TYR A 417 4.37 -19.59 -4.45
N CYS A 418 5.21 -20.38 -5.12
CA CYS A 418 5.11 -21.83 -5.07
C CYS A 418 6.09 -22.33 -4.02
N LEU A 419 5.86 -21.89 -2.77
CA LEU A 419 6.72 -22.22 -1.65
C LEU A 419 5.88 -22.65 -0.45
N ARG A 420 6.38 -23.62 0.28
CA ARG A 420 5.70 -24.15 1.45
C ARG A 420 5.96 -23.24 2.65
N VAL A 421 4.90 -22.90 3.39
CA VAL A 421 5.04 -22.07 4.59
C VAL A 421 5.59 -22.97 5.72
N GLU A 422 6.42 -22.39 6.58
CA GLU A 422 6.94 -23.07 7.75
C GLU A 422 6.44 -22.16 8.86
N SER A 423 5.44 -22.63 9.62
CA SER A 423 4.77 -21.82 10.65
C SER A 423 5.69 -21.27 11.73
N ASP A 424 6.63 -22.09 12.21
CA ASP A 424 7.57 -21.65 13.24
C ASP A 424 8.53 -20.56 12.75
N ILE A 425 9.06 -20.69 11.52
CA ILE A 425 9.97 -19.69 10.97
C ILE A 425 9.18 -18.44 10.69
N LYS A 426 7.95 -18.55 10.12
CA LYS A 426 7.08 -17.39 9.88
C LYS A 426 6.85 -16.61 11.18
N ARG A 427 6.50 -17.32 12.28
CA ARG A 427 6.27 -16.68 13.58
C ARG A 427 7.53 -16.00 14.10
N PHE A 428 8.71 -16.60 13.90
CA PHE A 428 9.97 -15.99 14.31
C PHE A 428 10.15 -14.60 13.65
N PHE A 429 9.89 -14.51 12.33
CA PHE A 429 10.01 -13.27 11.57
C PHE A 429 8.84 -12.29 11.77
N GLU A 430 7.69 -12.76 12.25
CA GLU A 430 6.57 -11.90 12.56
C GLU A 430 6.81 -11.17 13.90
N ASN A 431 7.44 -11.85 14.87
CA ASN A 431 7.65 -11.29 16.18
C ASN A 431 9.00 -10.58 16.33
N LEU A 432 9.73 -10.26 15.22
CA LEU A 432 11.02 -9.57 15.36
C LEU A 432 10.79 -8.20 15.96
N ASN A 433 11.53 -7.87 17.01
CA ASN A 433 11.40 -6.60 17.69
C ASN A 433 12.80 -6.14 18.11
N PRO A 434 13.70 -5.87 17.14
CA PRO A 434 15.08 -5.48 17.49
C PRO A 434 15.22 -4.24 18.37
N MET A 435 14.36 -3.25 18.20
CA MET A 435 14.43 -2.01 18.96
C MET A 435 14.05 -2.17 20.42
N GLY A 436 13.33 -3.22 20.78
CA GLY A 436 12.87 -3.41 22.15
C GLY A 436 11.93 -2.29 22.54
N ASN A 437 12.23 -1.60 23.64
CA ASN A 437 11.44 -0.44 24.05
C ASN A 437 12.00 0.86 23.45
N SER A 438 13.19 0.87 22.82
CA SER A 438 13.74 2.11 22.27
C SER A 438 12.93 2.68 21.12
N MET A 439 13.05 3.99 20.91
CA MET A 439 12.47 4.64 19.74
C MET A 439 13.48 4.40 18.60
N GLU A 440 13.02 4.45 17.36
CA GLU A 440 13.87 4.17 16.20
C GLU A 440 15.17 5.01 16.10
N LYS A 441 15.07 6.36 16.20
CA LYS A 441 16.24 7.21 16.08
C LYS A 441 17.29 6.89 17.15
N GLU A 442 16.87 6.75 18.39
CA GLU A 442 17.76 6.44 19.49
C GLU A 442 18.40 5.07 19.29
N PHE A 443 17.64 4.09 18.81
CA PHE A 443 18.16 2.76 18.52
C PHE A 443 19.25 2.83 17.41
N THR A 444 19.06 3.64 16.36
CA THR A 444 20.08 3.77 15.30
C THR A 444 21.35 4.40 15.84
N ASP A 445 21.23 5.36 16.76
CA ASP A 445 22.39 5.98 17.40
C ASP A 445 23.14 4.97 18.26
N TYR A 446 22.41 4.09 18.93
CA TYR A 446 23.01 2.99 19.70
C TYR A 446 23.75 2.06 18.71
N LEU A 447 23.13 1.71 17.57
CA LEU A 447 23.77 0.84 16.58
C LEU A 447 25.07 1.48 16.06
N PHE A 448 25.06 2.82 15.84
CA PHE A 448 26.22 3.57 15.38
C PHE A 448 27.35 3.52 16.43
N ASN A 449 27.01 3.74 17.70
CA ASN A 449 27.98 3.68 18.79
C ASN A 449 28.48 2.26 18.99
N LYS A 450 27.63 1.24 18.77
CA LYS A 450 28.09 -0.16 18.83
C LYS A 450 29.10 -0.41 17.69
N SER A 451 28.82 0.12 16.51
CA SER A 451 29.73 0.05 15.36
C SER A 451 31.12 0.70 15.67
N LEU A 452 31.15 1.83 16.40
CA LEU A 452 32.42 2.46 16.78
C LEU A 452 33.15 1.63 17.83
N GLU A 453 32.42 0.94 18.72
CA GLU A 453 33.06 0.08 19.73
C GLU A 453 33.77 -1.09 19.03
N ILE A 454 33.08 -1.77 18.09
CA ILE A 454 33.63 -2.97 17.44
C ILE A 454 34.72 -2.67 16.40
N GLU A 455 34.66 -1.50 15.75
CA GLU A 455 35.68 -1.09 14.79
C GLU A 455 35.95 0.38 15.02
N PRO A 456 36.78 0.73 16.02
CA PRO A 456 37.08 2.13 16.28
C PRO A 456 37.68 2.87 15.09
N ARG A 457 37.60 4.21 15.12
CA ARG A 457 38.12 5.01 14.03
C ARG A 457 39.64 4.87 13.91
N ASN A 458 40.13 4.86 12.65
CA ASN A 458 41.50 4.57 12.20
C ASN A 458 42.60 4.69 13.26
N PRO A 459 42.81 5.84 13.99
CA PRO A 459 43.93 5.88 14.96
C PRO A 459 43.81 4.84 16.08
N LYS A 460 42.60 4.69 16.65
CA LYS A 460 42.35 3.77 17.75
C LYS A 460 42.59 2.32 17.34
N PRO A 461 43.11 1.47 18.25
CA PRO A 461 43.34 0.06 17.88
C PRO A 461 42.05 -0.74 17.75
N LEU A 462 42.13 -1.86 17.01
CA LEU A 462 41.00 -2.75 16.80
C LEU A 462 41.00 -3.73 17.97
N PRO A 463 40.00 -3.73 18.88
CA PRO A 463 40.04 -4.69 19.99
C PRO A 463 39.77 -6.14 19.58
N ARG A 464 40.03 -7.04 20.50
CA ARG A 464 39.81 -8.48 20.35
C ARG A 464 38.59 -8.80 21.18
N PHE A 465 37.54 -9.33 20.55
CA PHE A 465 36.32 -9.67 21.28
C PHE A 465 36.13 -11.19 21.34
N PRO A 466 35.52 -11.70 22.42
CA PRO A 466 35.28 -13.14 22.49
C PRO A 466 34.16 -13.60 21.56
N LYS A 467 34.13 -14.91 21.31
CA LYS A 467 33.09 -15.50 20.49
C LYS A 467 31.78 -15.58 21.28
N LYS A 468 30.68 -15.26 20.62
CA LYS A 468 29.35 -15.37 21.19
C LYS A 468 28.59 -16.62 20.63
N TYR A 469 29.09 -17.27 19.54
CA TYR A 469 28.43 -18.44 18.94
C TYR A 469 29.34 -19.68 19.02
N SER A 470 28.83 -20.83 19.51
CA SER A 470 29.64 -22.06 19.56
C SER A 470 29.31 -23.03 18.42
N TYR A 471 28.23 -22.77 17.65
CA TYR A 471 27.89 -23.61 16.51
C TYR A 471 28.77 -23.24 15.30
N PRO A 472 28.87 -24.07 14.24
CA PRO A 472 29.73 -23.70 13.10
C PRO A 472 29.23 -22.46 12.34
N LEU A 473 30.17 -21.66 11.83
CA LEU A 473 29.82 -20.45 11.07
C LEU A 473 29.74 -20.71 9.59
N LYS A 474 30.31 -21.84 9.07
CA LYS A 474 30.27 -22.12 7.64
C LYS A 474 28.81 -22.22 7.15
N SER A 475 28.53 -21.52 6.06
CA SER A 475 27.21 -21.52 5.50
C SER A 475 26.97 -22.79 4.70
N PRO A 476 25.76 -23.37 4.72
CA PRO A 476 25.50 -24.52 3.84
C PRO A 476 25.37 -24.12 2.36
N GLY A 477 25.34 -22.83 2.05
CA GLY A 477 25.20 -22.34 0.70
C GLY A 477 23.78 -21.97 0.36
N VAL A 478 23.61 -21.47 -0.87
CA VAL A 478 22.32 -21.03 -1.43
C VAL A 478 21.78 -22.01 -2.49
N ARG A 479 22.44 -23.16 -2.74
CA ARG A 479 21.95 -24.15 -3.68
C ARG A 479 21.00 -25.10 -2.94
N PRO A 480 19.78 -25.34 -3.46
CA PRO A 480 18.86 -26.26 -2.76
C PRO A 480 19.14 -27.73 -3.07
N1 IMD B . 31.83 -0.21 3.09
C2 IMD B . 31.83 0.11 1.82
N3 IMD B . 32.77 -0.60 1.22
C4 IMD B . 33.39 -1.37 2.15
C5 IMD B . 32.81 -1.13 3.32
HN1 IMD B . 31.21 0.18 3.80
H2 IMD B . 31.16 0.81 1.33
HN3 IMD B . 33.00 -0.56 0.23
H4 IMD B . 34.21 -2.05 1.91
H5 IMD B . 33.02 -1.54 4.31
C4 S2W C . 26.49 3.07 -1.08
C5 S2W C . 26.53 4.44 -1.16
C6 S2W C . 26.99 5.07 -2.29
C7 S2W C . 26.88 0.83 -2.25
C13 S2W C . 27.46 -1.87 -0.23
C15 S2W C . 29.53 -3.11 0.09
C17 S2W C . 27.47 -1.55 1.12
C24 S2W C . 28.16 0.13 -5.59
C1 S2W C . 27.39 4.35 -3.38
C12 S2W C . 26.37 -1.35 -1.13
C14 S2W C . 29.50 -2.80 1.44
C16 S2W C . 28.52 -2.63 -0.74
C18 S2W C . 28.46 -2.03 1.98
C19 S2W C . 30.62 -3.96 -0.47
C2 S2W C . 27.35 2.93 -3.36
C23 S2W C . 24.97 -1.74 -0.66
C3 S2W C . 26.91 2.28 -2.19
C9 S2W C . 27.72 0.91 -4.38
F20 S2W C . 30.86 -3.72 -1.75
F21 S2W C . 30.36 -5.26 -0.38
F22 S2W C . 31.79 -3.78 0.14
N10 S2W C . 27.77 2.25 -4.46
N11 S2W C . 26.46 0.11 -1.18
N25 S2W C . 28.44 -1.71 3.31
N8 S2W C . 27.30 0.20 -3.33
H27 S2W C . 26.12 2.59 -0.18
H28 S2W C . 26.21 5.03 -0.29
H29 S2W C . 27.01 6.17 -2.32
H34 S2W C . 26.66 -0.95 1.53
H38 S2W C . 28.07 0.75 -6.48
H39 S2W C . 27.54 -0.74 -5.76
H40 S2W C . 29.19 -0.20 -5.53
H26 S2W C . 27.74 4.86 -4.28
H31 S2W C . 26.50 -1.78 -2.13
H32 S2W C . 30.28 -3.16 2.11
H33 S2W C . 28.52 -2.88 -1.80
H37 S2W C . 24.95 -2.16 0.34
H35 S2W C . 24.51 -2.47 -1.32
H36 S2W C . 24.31 -0.87 -0.64
H30 S2W C . 26.19 0.60 -0.33
H41 S2W C . 29.23 -1.93 3.92
H42 S2W C . 27.64 -1.27 3.74
#